data_4W1U
#
_entry.id   4W1U
#
_cell.length_a   72.356
_cell.length_b   90.292
_cell.length_c   49.693
_cell.angle_alpha   90.000
_cell.angle_beta   128.210
_cell.angle_gamma   90.000
#
_symmetry.space_group_name_H-M   'C 1 2 1'
#
loop_
_entity.id
_entity.type
_entity.pdbx_description
1 polymer 'HTH-type transcriptional repressor KstR2'
2 water water
#
_entity_poly.entity_id   1
_entity_poly.type   'polypeptide(L)'
_entity_poly.pdbx_seq_one_letter_code
;GAMGMDRVAGQVNSRRGELLELAAAMFAERGLRATTVRDIADGAGILSGSLYHHFASKEEMVDELLRGFLDWLFARYRDI
VDSTANPLERLQGLFMASFEAIEHHHAQVVIYQDEAQRLASQPRFSYIEDRNKQQRKMWVDVLNQGIEEGYFRPDLDVDL
VYRFIRDTTWVSVRWYRPGGPLTAQQVGQQYLAIVLGGITKEGV
;
_entity_poly.pdbx_strand_id   A
#
# COMPACT_ATOMS: atom_id res chain seq x y z
N ARG A 7 -5.58 1.10 13.67
CA ARG A 7 -5.10 2.10 12.74
C ARG A 7 -3.70 1.75 12.20
N VAL A 8 -2.74 1.53 13.09
CA VAL A 8 -1.39 1.13 12.67
C VAL A 8 -1.33 -0.39 12.46
N ALA A 9 -1.20 -0.80 11.20
CA ALA A 9 -1.13 -2.22 10.83
C ALA A 9 0.06 -2.91 11.49
N ARG A 15 0.68 0.83 24.72
CA ARG A 15 1.23 2.19 24.74
C ARG A 15 2.15 2.42 23.53
N ARG A 16 2.95 1.41 23.19
CA ARG A 16 3.84 1.49 22.03
C ARG A 16 3.01 1.78 20.78
N GLY A 17 1.89 1.08 20.65
CA GLY A 17 0.98 1.24 19.54
C GLY A 17 0.40 2.65 19.43
N GLU A 18 0.06 3.25 20.57
CA GLU A 18 -0.51 4.59 20.59
C GLU A 18 0.54 5.60 20.12
N LEU A 19 1.76 5.46 20.63
CA LEU A 19 2.85 6.32 20.23
C LEU A 19 3.15 6.16 18.74
N LEU A 20 3.21 4.91 18.26
CA LEU A 20 3.43 4.66 16.84
C LEU A 20 2.37 5.34 15.98
N GLU A 21 1.11 5.30 16.43
CA GLU A 21 0.01 5.95 15.72
C GLU A 21 0.25 7.44 15.55
N LEU A 22 0.61 8.09 16.65
CA LEU A 22 0.91 9.51 16.65
C LEU A 22 2.11 9.83 15.75
N ALA A 23 3.16 9.00 15.83
CA ALA A 23 4.35 9.24 15.02
C ALA A 23 4.04 9.08 13.52
N ALA A 24 3.27 8.06 13.19
CA ALA A 24 2.87 7.83 11.81
C ALA A 24 2.14 9.04 11.24
N ALA A 25 1.15 9.55 11.98
CA ALA A 25 0.37 10.69 11.51
C ALA A 25 1.28 11.87 11.25
N MET A 26 2.25 12.07 12.15
CA MET A 26 3.17 13.19 12.04
C MET A 26 4.13 13.00 10.86
N PHE A 27 4.68 11.80 10.72
CA PHE A 27 5.50 11.43 9.56
C PHE A 27 4.76 11.66 8.23
N ALA A 28 3.53 11.19 8.17
CA ALA A 28 2.74 11.30 6.95
C ALA A 28 2.46 12.76 6.59
N GLU A 29 2.14 13.56 7.61
CA GLU A 29 1.74 14.94 7.37
C GLU A 29 2.93 15.85 7.07
N ARG A 30 4.02 15.66 7.80
CA ARG A 30 5.13 16.60 7.73
C ARG A 30 6.34 16.05 6.99
N GLY A 31 6.33 14.74 6.72
CA GLY A 31 7.49 14.11 6.14
C GLY A 31 8.41 13.59 7.24
N LEU A 32 9.02 12.44 6.97
CA LEU A 32 9.89 11.77 7.92
C LEU A 32 11.05 12.66 8.36
N ARG A 33 11.78 13.19 7.39
CA ARG A 33 13.00 13.93 7.69
C ARG A 33 12.72 15.25 8.41
N ALA A 34 11.53 15.81 8.20
CA ALA A 34 11.15 17.06 8.85
C ALA A 34 10.69 16.85 10.28
N THR A 35 10.46 15.60 10.66
CA THR A 35 9.96 15.26 11.99
C THR A 35 11.09 14.83 12.92
N THR A 36 11.20 15.49 14.08
CA THR A 36 12.19 15.13 15.06
C THR A 36 11.56 14.30 16.18
N VAL A 37 12.40 13.66 16.99
CA VAL A 37 11.90 12.90 18.12
C VAL A 37 11.25 13.85 19.13
N ARG A 38 11.79 15.06 19.23
CA ARG A 38 11.24 16.07 20.12
C ARG A 38 9.81 16.40 19.70
N ASP A 39 9.61 16.56 18.39
CA ASP A 39 8.29 16.81 17.81
C ASP A 39 7.28 15.76 18.28
N ILE A 40 7.67 14.50 18.11
CA ILE A 40 6.82 13.37 18.45
C ILE A 40 6.53 13.34 19.95
N ALA A 41 7.58 13.43 20.76
CA ALA A 41 7.46 13.44 22.22
C ALA A 41 6.55 14.58 22.69
N ASP A 42 6.72 15.76 22.10
CA ASP A 42 5.86 16.90 22.43
C ASP A 42 4.42 16.64 22.03
N GLY A 43 4.23 16.01 20.87
CA GLY A 43 2.90 15.67 20.39
C GLY A 43 2.18 14.75 21.36
N ALA A 44 2.93 13.82 21.93
CA ALA A 44 2.41 12.86 22.89
C ALA A 44 2.42 13.40 24.32
N GLY A 45 2.91 14.62 24.49
CA GLY A 45 2.93 15.26 25.80
C GLY A 45 3.85 14.58 26.78
N ILE A 46 4.95 14.03 26.26
CA ILE A 46 5.91 13.31 27.10
C ILE A 46 7.32 13.81 26.84
N LEU A 47 8.23 13.53 27.76
CA LEU A 47 9.64 13.87 27.57
C LEU A 47 10.26 12.97 26.51
N SER A 48 11.35 13.44 25.92
CA SER A 48 12.07 12.67 24.91
C SER A 48 12.64 11.40 25.51
N GLY A 49 13.16 11.51 26.73
CA GLY A 49 13.68 10.36 27.46
C GLY A 49 12.64 9.28 27.63
N SER A 50 11.38 9.67 27.84
CA SER A 50 10.29 8.71 27.98
C SER A 50 9.96 8.04 26.64
N LEU A 51 10.01 8.80 25.55
CA LEU A 51 9.81 8.24 24.21
C LEU A 51 10.91 7.22 23.91
N TYR A 52 12.11 7.51 24.39
CA TYR A 52 13.25 6.61 24.23
C TYR A 52 13.16 5.38 25.13
N HIS A 53 12.08 5.28 25.90
CA HIS A 53 11.80 4.04 26.61
C HIS A 53 11.00 3.08 25.73
N HIS A 54 10.67 3.52 24.52
CA HIS A 54 9.89 2.69 23.62
C HIS A 54 10.62 2.43 22.29
N PHE A 55 11.39 3.42 21.84
CA PHE A 55 12.08 3.35 20.55
C PHE A 55 13.48 3.94 20.67
N ALA A 56 14.43 3.39 19.91
CA ALA A 56 15.81 3.84 19.99
C ALA A 56 16.06 5.05 19.10
N SER A 57 15.18 5.26 18.13
CA SER A 57 15.34 6.31 17.11
C SER A 57 14.08 6.44 16.29
N LYS A 58 13.99 7.53 15.52
CA LYS A 58 12.83 7.70 14.65
C LYS A 58 12.92 6.75 13.46
N GLU A 59 14.11 6.33 13.05
N GLU A 59 14.14 6.38 13.12
CA GLU A 59 14.16 5.35 11.96
CA GLU A 59 14.38 5.40 12.08
C GLU A 59 13.71 3.98 12.48
C GLU A 59 13.75 4.06 12.50
N GLU A 60 13.93 3.69 13.76
CA GLU A 60 13.37 2.46 14.32
C GLU A 60 11.84 2.51 14.32
N MET A 61 11.27 3.68 14.63
CA MET A 61 9.81 3.87 14.53
C MET A 61 9.27 3.63 13.13
N VAL A 62 9.91 4.21 12.12
CA VAL A 62 9.46 4.01 10.75
C VAL A 62 9.60 2.55 10.32
N ASP A 63 10.66 1.91 10.82
CA ASP A 63 10.91 0.51 10.53
C ASP A 63 9.74 -0.34 11.02
N GLU A 64 9.33 -0.12 12.27
CA GLU A 64 8.20 -0.86 12.85
C GLU A 64 6.91 -0.55 12.09
N LEU A 65 6.73 0.70 11.69
CA LEU A 65 5.55 1.11 10.92
C LEU A 65 5.48 0.43 9.56
N LEU A 66 6.59 0.46 8.82
CA LEU A 66 6.58 -0.10 7.48
C LEU A 66 6.55 -1.62 7.53
N ARG A 67 7.23 -2.22 8.49
CA ARG A 67 7.15 -3.68 8.66
C ARG A 67 5.73 -4.15 8.99
N GLY A 68 5.07 -3.47 9.91
CA GLY A 68 3.74 -3.88 10.32
C GLY A 68 2.81 -3.72 9.12
N PHE A 69 3.02 -2.65 8.37
CA PHE A 69 2.17 -2.38 7.20
C PHE A 69 2.35 -3.43 6.12
N LEU A 70 3.59 -3.71 5.73
CA LEU A 70 3.85 -4.69 4.69
C LEU A 70 3.47 -6.10 5.12
N ASP A 71 3.69 -6.43 6.40
CA ASP A 71 3.31 -7.74 6.88
C ASP A 71 1.79 -7.88 6.79
N TRP A 72 1.05 -6.85 7.21
CA TRP A 72 -0.40 -6.87 7.09
C TRP A 72 -0.86 -7.02 5.63
N LEU A 73 -0.25 -6.24 4.75
CA LEU A 73 -0.66 -6.19 3.35
C LEU A 73 -0.40 -7.52 2.64
N PHE A 74 0.78 -8.08 2.86
CA PHE A 74 1.12 -9.31 2.14
C PHE A 74 0.41 -10.52 2.76
N ALA A 75 0.00 -10.40 4.02
CA ALA A 75 -0.89 -11.40 4.59
C ALA A 75 -2.26 -11.32 3.92
N ARG A 76 -2.74 -10.11 3.63
CA ARG A 76 -4.01 -9.96 2.90
C ARG A 76 -3.90 -10.57 1.52
N TYR A 77 -2.83 -10.24 0.82
CA TYR A 77 -2.57 -10.81 -0.51
C TYR A 77 -2.62 -12.33 -0.47
N ARG A 78 -1.98 -12.90 0.55
CA ARG A 78 -1.92 -14.35 0.69
C ARG A 78 -3.32 -14.93 0.84
N ASP A 79 -4.11 -14.32 1.72
CA ASP A 79 -5.45 -14.79 2.00
C ASP A 79 -6.30 -14.70 0.75
N ILE A 80 -6.11 -13.62 -0.01
CA ILE A 80 -6.86 -13.42 -1.25
C ILE A 80 -6.49 -14.48 -2.28
N VAL A 81 -5.18 -14.69 -2.47
CA VAL A 81 -4.72 -15.70 -3.41
C VAL A 81 -5.25 -17.08 -3.05
N ASP A 82 -5.26 -17.38 -1.75
CA ASP A 82 -5.70 -18.68 -1.28
C ASP A 82 -7.21 -18.90 -1.40
N SER A 83 -7.99 -17.82 -1.33
CA SER A 83 -9.45 -17.95 -1.21
C SER A 83 -10.23 -17.66 -2.50
N THR A 84 -9.53 -17.37 -3.59
CA THR A 84 -10.22 -17.09 -4.84
C THR A 84 -10.07 -18.23 -5.82
N ALA A 85 -11.03 -18.37 -6.73
CA ALA A 85 -11.12 -19.59 -7.55
C ALA A 85 -10.54 -19.45 -8.95
N ASN A 86 -10.33 -18.23 -9.42
CA ASN A 86 -9.81 -18.02 -10.76
C ASN A 86 -9.06 -16.68 -10.83
N PRO A 87 -8.32 -16.43 -11.92
CA PRO A 87 -7.47 -15.23 -11.95
C PRO A 87 -8.26 -13.92 -11.96
N LEU A 88 -9.49 -13.95 -12.46
CA LEU A 88 -10.32 -12.75 -12.45
C LEU A 88 -10.71 -12.41 -11.02
N GLU A 89 -11.25 -13.39 -10.28
CA GLU A 89 -11.59 -13.19 -8.87
C GLU A 89 -10.37 -12.74 -8.09
N ARG A 90 -9.25 -13.37 -8.36
CA ARG A 90 -8.00 -13.07 -7.68
CA ARG A 90 -7.99 -13.07 -7.69
C ARG A 90 -7.58 -11.62 -7.92
N LEU A 91 -7.53 -11.23 -9.18
CA LEU A 91 -7.12 -9.85 -9.52
C LEU A 91 -8.06 -8.83 -8.88
N GLN A 92 -9.37 -9.13 -8.90
CA GLN A 92 -10.34 -8.24 -8.26
C GLN A 92 -10.05 -8.05 -6.76
N GLY A 93 -9.83 -9.16 -6.07
CA GLY A 93 -9.50 -9.10 -4.64
C GLY A 93 -8.20 -8.37 -4.36
N LEU A 94 -7.15 -8.70 -5.10
CA LEU A 94 -5.85 -8.09 -4.89
C LEU A 94 -5.90 -6.60 -5.17
N PHE A 95 -6.67 -6.21 -6.19
CA PHE A 95 -6.78 -4.81 -6.55
C PHE A 95 -7.42 -3.98 -5.44
N MET A 96 -8.45 -4.54 -4.81
CA MET A 96 -9.20 -3.85 -3.77
C MET A 96 -8.43 -3.72 -2.46
N ALA A 97 -7.41 -4.55 -2.28
CA ALA A 97 -6.61 -4.52 -1.04
C ALA A 97 -5.89 -3.20 -0.82
N SER A 98 -5.47 -2.52 -1.87
CA SER A 98 -4.80 -1.25 -1.69
CA SER A 98 -4.81 -1.24 -1.72
C SER A 98 -5.76 -0.20 -1.14
N PHE A 99 -7.03 -0.30 -1.51
CA PHE A 99 -7.99 0.70 -1.07
C PHE A 99 -8.39 0.45 0.36
N GLU A 100 -8.35 -0.82 0.75
CA GLU A 100 -8.49 -1.18 2.16
C GLU A 100 -7.35 -0.54 2.97
N ALA A 101 -6.13 -0.59 2.41
CA ALA A 101 -4.97 0.03 3.05
C ALA A 101 -5.12 1.54 3.15
N ILE A 102 -5.61 2.16 2.07
CA ILE A 102 -5.82 3.61 2.06
C ILE A 102 -6.83 4.04 3.10
N GLU A 103 -7.86 3.22 3.28
CA GLU A 103 -8.92 3.56 4.22
C GLU A 103 -8.49 3.37 5.67
N HIS A 104 -7.81 2.26 5.95
CA HIS A 104 -7.59 1.86 7.35
C HIS A 104 -6.16 1.96 7.84
N HIS A 105 -5.21 2.13 6.92
CA HIS A 105 -3.81 2.28 7.26
C HIS A 105 -3.22 3.46 6.49
N HIS A 106 -3.97 4.56 6.47
CA HIS A 106 -3.63 5.70 5.62
C HIS A 106 -2.23 6.24 5.90
N ALA A 107 -1.91 6.46 7.18
CA ALA A 107 -0.61 7.05 7.50
C ALA A 107 0.53 6.20 6.96
N GLN A 108 0.45 4.88 7.17
CA GLN A 108 1.47 3.96 6.68
C GLN A 108 1.56 3.98 5.16
N VAL A 109 0.42 4.07 4.47
CA VAL A 109 0.47 4.11 3.02
C VAL A 109 1.21 5.35 2.54
N VAL A 110 0.89 6.48 3.14
CA VAL A 110 1.50 7.76 2.75
C VAL A 110 2.99 7.73 3.04
N ILE A 111 3.37 7.19 4.20
CA ILE A 111 4.79 7.10 4.56
C ILE A 111 5.54 6.22 3.57
N TYR A 112 4.95 5.08 3.23
CA TYR A 112 5.58 4.23 2.23
C TYR A 112 5.74 4.98 0.93
N GLN A 113 4.65 5.55 0.40
CA GLN A 113 4.69 6.28 -0.87
CA GLN A 113 4.72 6.24 -0.89
C GLN A 113 5.79 7.34 -0.88
N ASP A 114 5.88 8.09 0.22
CA ASP A 114 6.79 9.21 0.26
C ASP A 114 8.23 8.89 0.68
N GLU A 115 8.44 7.75 1.33
CA GLU A 115 9.77 7.48 1.89
C GLU A 115 10.42 6.16 1.46
N ALA A 116 9.64 5.20 0.95
CA ALA A 116 10.16 3.84 0.74
C ALA A 116 11.32 3.79 -0.25
N GLN A 117 11.20 4.52 -1.35
CA GLN A 117 12.24 4.50 -2.37
C GLN A 117 13.58 5.01 -1.83
N ARG A 118 13.54 6.09 -1.06
CA ARG A 118 14.75 6.60 -0.45
C ARG A 118 15.33 5.64 0.58
N LEU A 119 14.47 5.10 1.44
CA LEU A 119 14.91 4.24 2.54
C LEU A 119 15.49 2.91 2.06
N ALA A 120 15.00 2.46 0.91
CA ALA A 120 15.31 1.11 0.42
C ALA A 120 16.79 0.82 0.24
N SER A 121 17.63 1.86 0.16
CA SER A 121 19.05 1.67 -0.07
C SER A 121 19.81 1.39 1.24
N GLN A 122 19.13 1.59 2.37
CA GLN A 122 19.71 1.34 3.69
C GLN A 122 19.49 -0.10 4.10
N PRO A 123 20.50 -0.72 4.72
CA PRO A 123 20.39 -2.13 5.12
C PRO A 123 19.21 -2.38 6.03
N ARG A 124 18.86 -1.41 6.88
CA ARG A 124 17.70 -1.55 7.76
C ARG A 124 16.44 -1.87 6.99
N PHE A 125 16.33 -1.31 5.78
CA PHE A 125 15.11 -1.47 5.02
C PHE A 125 15.25 -2.37 3.80
N SER A 126 16.13 -3.37 3.87
CA SER A 126 16.33 -4.27 2.74
C SER A 126 15.05 -5.04 2.35
N TYR A 127 14.12 -5.17 3.31
CA TYR A 127 12.89 -5.90 3.03
C TYR A 127 11.97 -5.16 2.05
N ILE A 128 12.19 -3.87 1.87
CA ILE A 128 11.36 -3.11 0.94
C ILE A 128 11.50 -3.66 -0.48
N GLU A 129 12.72 -3.88 -0.93
CA GLU A 129 12.94 -4.42 -2.27
C GLU A 129 12.47 -5.87 -2.35
N ASP A 130 12.67 -6.62 -1.27
CA ASP A 130 12.18 -8.00 -1.23
C ASP A 130 10.68 -8.05 -1.53
N ARG A 131 9.92 -7.19 -0.84
CA ARG A 131 8.49 -7.15 -1.01
C ARG A 131 8.12 -6.59 -2.37
N ASN A 132 8.89 -5.63 -2.86
CA ASN A 132 8.69 -5.07 -4.21
C ASN A 132 8.75 -6.20 -5.26
N LYS A 133 9.76 -7.06 -5.16
CA LYS A 133 9.90 -8.19 -6.06
C LYS A 133 8.73 -9.16 -5.92
N GLN A 134 8.31 -9.38 -4.68
CA GLN A 134 7.26 -10.36 -4.39
C GLN A 134 5.92 -9.90 -4.97
N GLN A 135 5.59 -8.63 -4.78
CA GLN A 135 4.38 -8.02 -5.33
C GLN A 135 4.37 -8.05 -6.87
N ARG A 136 5.50 -7.77 -7.51
CA ARG A 136 5.53 -7.83 -8.97
C ARG A 136 5.27 -9.24 -9.48
N LYS A 137 5.93 -10.21 -8.85
CA LYS A 137 5.74 -11.59 -9.26
C LYS A 137 4.29 -12.01 -9.10
N MET A 138 3.66 -11.54 -8.03
CA MET A 138 2.25 -11.83 -7.75
C MET A 138 1.36 -11.33 -8.87
N TRP A 139 1.53 -10.07 -9.24
CA TRP A 139 0.75 -9.44 -10.29
C TRP A 139 1.02 -10.07 -11.65
N VAL A 140 2.28 -10.33 -11.95
CA VAL A 140 2.59 -10.90 -13.25
C VAL A 140 2.03 -12.32 -13.34
N ASP A 141 2.07 -13.07 -12.24
CA ASP A 141 1.54 -14.42 -12.25
C ASP A 141 0.01 -14.42 -12.48
N VAL A 142 -0.72 -13.53 -11.82
CA VAL A 142 -2.17 -13.55 -11.99
C VAL A 142 -2.55 -13.08 -13.40
N LEU A 143 -1.81 -12.12 -13.92
CA LEU A 143 -2.06 -11.65 -15.29
C LEU A 143 -1.78 -12.75 -16.34
N ASN A 144 -0.64 -13.39 -16.20
CA ASN A 144 -0.29 -14.50 -17.09
C ASN A 144 -1.35 -15.61 -17.05
N GLN A 145 -1.77 -15.99 -15.85
CA GLN A 145 -2.71 -17.10 -15.74
C GLN A 145 -4.08 -16.70 -16.29
N GLY A 146 -4.47 -15.43 -16.10
CA GLY A 146 -5.69 -14.89 -16.65
C GLY A 146 -5.72 -14.82 -18.16
N ILE A 147 -4.58 -14.47 -18.77
CA ILE A 147 -4.45 -14.49 -20.21
C ILE A 147 -4.48 -15.94 -20.73
N GLU A 148 -3.75 -16.83 -20.06
CA GLU A 148 -3.70 -18.24 -20.49
C GLU A 148 -5.08 -18.90 -20.46
N GLU A 149 -5.86 -18.60 -19.43
CA GLU A 149 -7.17 -19.24 -19.27
C GLU A 149 -8.28 -18.49 -19.96
N GLY A 150 -7.96 -17.32 -20.52
CA GLY A 150 -8.89 -16.59 -21.35
C GLY A 150 -9.77 -15.56 -20.66
N TYR A 151 -9.45 -15.23 -19.41
CA TYR A 151 -10.18 -14.16 -18.70
C TYR A 151 -9.74 -12.79 -19.19
N PHE A 152 -8.46 -12.66 -19.55
CA PHE A 152 -7.94 -11.37 -20.00
C PHE A 152 -7.57 -11.38 -21.48
N ARG A 153 -7.60 -10.20 -22.10
CA ARG A 153 -7.22 -10.01 -23.50
C ARG A 153 -5.84 -10.64 -23.82
N PRO A 154 -5.73 -11.36 -24.94
CA PRO A 154 -4.57 -12.22 -25.21
C PRO A 154 -3.28 -11.47 -25.55
N ASP A 155 -3.43 -10.25 -26.03
CA ASP A 155 -2.20 -9.58 -26.50
CA ASP A 155 -2.39 -9.40 -26.59
C ASP A 155 -1.76 -8.46 -25.58
N LEU A 156 -2.23 -8.48 -24.34
CA LEU A 156 -1.78 -7.50 -23.35
C LEU A 156 -0.27 -7.62 -23.14
N ASP A 157 0.40 -6.49 -23.01
CA ASP A 157 1.80 -6.45 -22.58
C ASP A 157 1.78 -6.60 -21.06
N VAL A 158 2.11 -7.79 -20.56
CA VAL A 158 1.92 -8.08 -19.14
C VAL A 158 2.70 -7.10 -18.25
N ASP A 159 3.96 -6.83 -18.58
CA ASP A 159 4.75 -5.89 -17.78
CA ASP A 159 4.75 -5.89 -17.78
C ASP A 159 4.10 -4.51 -17.73
N LEU A 160 3.52 -4.09 -18.86
CA LEU A 160 2.85 -2.78 -18.89
C LEU A 160 1.57 -2.77 -18.11
N VAL A 161 0.82 -3.87 -18.15
CA VAL A 161 -0.43 -3.95 -17.41
C VAL A 161 -0.13 -4.02 -15.90
N TYR A 162 0.93 -4.73 -15.55
CA TYR A 162 1.43 -4.72 -14.18
C TYR A 162 1.66 -3.26 -13.75
N ARG A 163 2.42 -2.51 -14.56
CA ARG A 163 2.65 -1.09 -14.29
CA ARG A 163 2.67 -1.12 -14.22
C ARG A 163 1.36 -0.31 -14.13
N PHE A 164 0.42 -0.53 -15.05
CA PHE A 164 -0.85 0.19 -14.99
C PHE A 164 -1.57 -0.09 -13.67
N ILE A 165 -1.55 -1.36 -13.25
CA ILE A 165 -2.24 -1.76 -12.03
C ILE A 165 -1.53 -1.23 -10.80
N ARG A 166 -0.19 -1.37 -10.78
CA ARG A 166 0.58 -0.81 -9.67
C ARG A 166 0.36 0.71 -9.57
N ASP A 167 0.39 1.41 -10.70
CA ASP A 167 0.10 2.84 -10.71
C ASP A 167 -1.29 3.13 -10.15
N THR A 168 -2.32 2.46 -10.69
CA THR A 168 -3.70 2.83 -10.35
C THR A 168 -4.16 2.34 -8.97
N THR A 169 -3.55 1.29 -8.43
CA THR A 169 -3.98 0.80 -7.11
C THR A 169 -3.59 1.75 -5.99
N TRP A 170 -2.53 2.52 -6.19
CA TRP A 170 -2.00 3.39 -5.13
C TRP A 170 -2.01 4.89 -5.46
N VAL A 171 -2.19 5.25 -6.73
CA VAL A 171 -2.07 6.66 -7.10
C VAL A 171 -3.14 7.55 -6.44
N SER A 172 -4.30 6.99 -6.13
CA SER A 172 -5.38 7.82 -5.57
C SER A 172 -5.08 8.34 -4.17
N VAL A 173 -4.07 7.79 -3.50
CA VAL A 173 -3.78 8.27 -2.16
C VAL A 173 -3.25 9.71 -2.24
N ARG A 174 -2.86 10.15 -3.43
CA ARG A 174 -2.34 11.51 -3.59
C ARG A 174 -3.44 12.57 -3.47
N TRP A 175 -4.69 12.20 -3.75
CA TRP A 175 -5.79 13.18 -3.71
C TRP A 175 -6.95 12.78 -2.80
N TYR A 176 -7.07 11.49 -2.47
CA TYR A 176 -8.19 11.01 -1.66
C TYR A 176 -8.23 11.66 -0.27
N ARG A 177 -9.42 12.15 0.10
CA ARG A 177 -9.64 12.76 1.40
C ARG A 177 -10.45 11.84 2.33
N PRO A 178 -9.80 11.36 3.42
CA PRO A 178 -10.34 10.41 4.40
C PRO A 178 -11.67 10.79 5.04
N GLY A 179 -11.92 12.08 5.22
CA GLY A 179 -13.15 12.51 5.85
C GLY A 179 -14.29 12.73 4.88
N GLY A 180 -14.02 12.55 3.59
CA GLY A 180 -14.97 12.89 2.55
C GLY A 180 -16.17 11.97 2.41
N PRO A 181 -17.02 12.25 1.42
CA PRO A 181 -18.22 11.48 1.09
C PRO A 181 -17.91 10.11 0.49
N LEU A 182 -17.11 10.05 -0.58
CA LEU A 182 -16.70 8.76 -1.13
C LEU A 182 -15.72 8.08 -0.18
N THR A 183 -15.90 6.78 -0.01
CA THR A 183 -14.99 5.97 0.77
C THR A 183 -13.91 5.49 -0.18
N ALA A 184 -12.79 5.04 0.36
CA ALA A 184 -11.75 4.51 -0.54
C ALA A 184 -12.27 3.28 -1.27
N GLN A 185 -13.13 2.50 -0.62
CA GLN A 185 -13.70 1.32 -1.26
C GLN A 185 -14.47 1.68 -2.55
N GLN A 186 -15.27 2.74 -2.48
CA GLN A 186 -16.04 3.15 -3.65
C GLN A 186 -15.10 3.63 -4.77
N VAL A 187 -14.05 4.35 -4.39
CA VAL A 187 -13.07 4.79 -5.38
C VAL A 187 -12.45 3.56 -6.04
N GLY A 188 -12.07 2.58 -5.23
CA GLY A 188 -11.43 1.37 -5.72
C GLY A 188 -12.36 0.55 -6.60
N GLN A 189 -13.63 0.49 -6.23
CA GLN A 189 -14.57 -0.26 -7.04
C GLN A 189 -14.71 0.36 -8.43
N GLN A 190 -14.70 1.68 -8.50
N GLN A 190 -14.75 1.69 -8.52
CA GLN A 190 -14.88 2.38 -9.76
CA GLN A 190 -14.87 2.35 -9.82
C GLN A 190 -13.59 2.39 -10.60
C GLN A 190 -13.57 2.21 -10.61
N TYR A 191 -12.45 2.42 -9.93
CA TYR A 191 -11.16 2.23 -10.59
C TYR A 191 -11.05 0.81 -11.15
N LEU A 192 -11.43 -0.16 -10.33
CA LEU A 192 -11.39 -1.57 -10.76
C LEU A 192 -12.30 -1.81 -11.99
N ALA A 193 -13.49 -1.20 -11.99
CA ALA A 193 -14.44 -1.38 -13.10
C ALA A 193 -13.81 -0.93 -14.42
N ILE A 194 -13.04 0.14 -14.36
CA ILE A 194 -12.40 0.67 -15.57
C ILE A 194 -11.28 -0.26 -15.99
N VAL A 195 -10.45 -0.67 -15.02
CA VAL A 195 -9.38 -1.62 -15.32
C VAL A 195 -9.92 -2.88 -16.02
N LEU A 196 -11.03 -3.42 -15.49
CA LEU A 196 -11.64 -4.62 -16.08
C LEU A 196 -12.36 -4.39 -17.40
N GLY A 197 -13.18 -3.34 -17.50
CA GLY A 197 -14.07 -3.20 -18.64
C GLY A 197 -14.01 -1.89 -19.41
N GLY A 198 -13.16 -0.98 -18.96
CA GLY A 198 -12.99 0.30 -19.62
C GLY A 198 -14.18 1.27 -19.50
N ILE A 199 -14.09 2.42 -20.15
CA ILE A 199 -15.19 3.40 -20.09
C ILE A 199 -16.11 3.39 -21.30
N THR A 200 -15.75 2.66 -22.37
CA THR A 200 -16.61 2.69 -23.55
C THR A 200 -17.76 1.70 -23.45
N LYS A 201 -18.90 2.06 -24.02
CA LYS A 201 -20.04 1.16 -24.07
C LYS A 201 -19.74 -0.02 -24.98
N GLU A 202 -20.29 -1.18 -24.67
CA GLU A 202 -20.22 -2.34 -25.56
C GLU A 202 -20.68 -1.98 -26.98
N GLY A 203 -19.83 -2.26 -27.96
CA GLY A 203 -20.12 -1.88 -29.34
C GLY A 203 -19.36 -0.62 -29.74
N VAL A 204 -18.78 0.05 -28.75
CA VAL A 204 -17.99 1.26 -28.97
C VAL A 204 -16.55 1.07 -28.50
#